data_4X9W
#
_entry.id   4X9W
#
_cell.length_a   36.052
_cell.length_b   51.525
_cell.length_c   57.449
_cell.angle_alpha   90.00
_cell.angle_beta   100.55
_cell.angle_gamma   90.00
#
_symmetry.space_group_name_H-M   'P 1 21 1'
#
loop_
_entity.id
_entity.type
_entity.pdbx_description
1 polymer 'Serine/threonine-protein kinase PLK1'
2 polymer 'Macrocyclic phosphopeptide 4C'
3 water water
#
loop_
_entity_poly.entity_id
_entity_poly.type
_entity_poly.pdbx_seq_one_letter_code
_entity_poly.pdbx_strand_id
1 'polypeptide(L)'
;GAHMDCHLSDMLQQLHSVNASKPSERGLVRQEEAEDPACIPIFWVSKWVDYSDKYGLGYQLCDNSVGVLFNDSTRLILYN
DGDSLQYIERDGTESYLTVSSHPNSLMKKITLLKYFRNYMSEHLLKAGANITPREGDELARLPYLRTWFRTRSAIILHLS
NGSVQINFFQDHTKLILCPLMAAVTYIDEKRDFRTYRLSLLEEYGCCKELASRLRYARTMVDKLLSSRSASNRLKAS
;
A
2 'polypeptide(L)' L(3ZH)S(TPO)(NH2) B
#
loop_
_chem_comp.id
_chem_comp.type
_chem_comp.name
_chem_comp.formula
NH2 non-polymer 'AMINO GROUP' 'H2 N'
#
# COMPACT_ATOMS: atom_id res chain seq x y z
N CYS A 6 -3.07 12.16 11.46
CA CYS A 6 -3.57 10.82 11.71
C CYS A 6 -2.44 9.90 12.15
N HIS A 7 -2.30 8.74 11.53
CA HIS A 7 -1.32 7.75 11.95
C HIS A 7 0.08 8.01 11.40
N LEU A 8 0.19 8.89 10.41
CA LEU A 8 1.49 9.19 9.82
C LEU A 8 2.45 9.72 10.88
N SER A 9 1.91 10.46 11.83
CA SER A 9 2.71 11.02 12.91
C SER A 9 3.30 9.89 13.75
N ASP A 10 2.50 8.87 14.03
CA ASP A 10 2.99 7.70 14.74
C ASP A 10 4.07 7.00 13.93
N MET A 11 3.83 6.85 12.63
CA MET A 11 4.79 6.16 11.78
C MET A 11 6.13 6.88 11.78
N LEU A 12 6.08 8.21 11.74
CA LEU A 12 7.31 8.99 11.74
C LEU A 12 8.06 8.81 13.04
N GLN A 13 7.34 8.76 14.16
CA GLN A 13 7.93 8.48 15.46
C GLN A 13 8.67 7.16 15.44
N GLN A 14 7.96 6.14 14.96
CA GLN A 14 8.46 4.78 14.97
C GLN A 14 9.70 4.64 14.09
N LEU A 15 9.70 5.31 12.95
CA LEU A 15 10.85 5.25 12.03
C LEU A 15 12.03 6.02 12.58
N HIS A 16 11.80 7.21 13.12
CA HIS A 16 12.88 8.00 13.68
C HIS A 16 13.56 7.20 14.79
N SER A 17 12.74 6.56 15.61
CA SER A 17 13.25 5.82 16.76
C SER A 17 14.17 4.69 16.31
N VAL A 18 13.76 3.96 15.27
CA VAL A 18 14.57 2.84 14.81
C VAL A 18 15.80 3.35 14.09
N ASN A 19 15.66 4.42 13.32
CA ASN A 19 16.80 4.96 12.60
C ASN A 19 17.83 5.53 13.58
N ALA A 20 17.34 6.17 14.64
CA ALA A 20 18.22 6.79 15.63
C ALA A 20 19.07 5.75 16.36
N SER A 21 18.58 4.51 16.42
CA SER A 21 19.32 3.43 17.08
C SER A 21 20.46 2.90 16.21
N LYS A 22 20.52 3.35 14.96
CA LYS A 22 21.54 2.91 14.01
C LYS A 22 21.67 1.38 14.02
N PRO A 23 20.61 0.68 13.57
CA PRO A 23 20.47 -0.78 13.69
C PRO A 23 21.49 -1.60 12.92
N SER A 24 22.18 -1.01 11.95
CA SER A 24 23.14 -1.75 11.15
C SER A 24 24.56 -1.53 11.65
N GLU A 25 24.72 -0.67 12.66
CA GLU A 25 26.05 -0.29 13.12
C GLU A 25 26.43 -0.90 14.47
N ARG A 26 25.87 -2.07 14.78
CA ARG A 26 26.18 -2.73 16.04
C ARG A 26 27.05 -3.97 15.81
N GLY A 27 27.61 -4.49 16.90
CA GLY A 27 28.51 -5.62 16.84
C GLY A 27 27.91 -6.85 16.19
N LEU A 28 26.83 -7.36 16.77
CA LEU A 28 26.16 -8.53 16.23
C LEU A 28 24.73 -8.20 15.84
N VAL A 29 24.42 -8.32 14.56
CA VAL A 29 23.07 -8.10 14.07
C VAL A 29 22.27 -9.38 14.24
N ARG A 30 21.11 -9.27 14.88
CA ARG A 30 20.24 -10.42 15.11
C ARG A 30 18.87 -10.15 14.51
N GLN A 31 18.86 -9.83 13.22
CA GLN A 31 17.67 -9.40 12.51
C GLN A 31 16.53 -10.41 12.62
N GLU A 32 16.85 -11.70 12.58
CA GLU A 32 15.83 -12.73 12.66
C GLU A 32 15.01 -12.67 13.94
N GLU A 33 15.63 -12.23 15.03
CA GLU A 33 14.93 -12.11 16.32
C GLU A 33 13.85 -11.04 16.30
N ALA A 34 13.88 -10.18 15.29
CA ALA A 34 12.95 -9.07 15.23
C ALA A 34 11.72 -9.42 14.39
N GLU A 35 11.72 -10.58 13.74
CA GLU A 35 10.57 -11.01 12.96
CA GLU A 35 10.56 -10.99 12.96
C GLU A 35 9.40 -11.30 13.89
N ASP A 36 8.20 -10.90 13.47
CA ASP A 36 7.01 -11.15 14.26
C ASP A 36 5.86 -11.50 13.32
N PRO A 37 5.56 -12.80 13.16
CA PRO A 37 4.49 -13.20 12.22
C PRO A 37 3.11 -12.70 12.62
N ALA A 38 2.93 -12.30 13.88
CA ALA A 38 1.63 -11.79 14.32
C ALA A 38 1.36 -10.41 13.72
N CYS A 39 2.41 -9.78 13.19
CA CYS A 39 2.28 -8.44 12.64
C CYS A 39 2.11 -8.40 11.12
N ILE A 40 2.03 -9.58 10.50
CA ILE A 40 1.88 -9.63 9.05
C ILE A 40 0.70 -8.76 8.63
N PRO A 41 0.90 -7.89 7.62
CA PRO A 41 -0.18 -7.00 7.23
C PRO A 41 -1.36 -7.75 6.63
N ILE A 42 -2.54 -7.13 6.72
CA ILE A 42 -3.75 -7.69 6.14
C ILE A 42 -3.81 -7.34 4.67
N PHE A 43 -3.48 -6.09 4.35
CA PHE A 43 -3.61 -5.57 2.99
C PHE A 43 -2.31 -4.92 2.53
N TRP A 44 -2.02 -5.06 1.24
CA TRP A 44 -0.97 -4.30 0.59
C TRP A 44 -1.32 -4.20 -0.89
N VAL A 45 -0.62 -3.32 -1.59
CA VAL A 45 -0.82 -3.16 -3.03
C VAL A 45 -0.06 -4.26 -3.75
N SER A 46 -0.77 -5.09 -4.51
CA SER A 46 -0.15 -6.20 -5.23
CA SER A 46 -0.16 -6.21 -5.23
C SER A 46 0.17 -5.83 -6.66
N LYS A 47 -0.56 -4.88 -7.22
CA LYS A 47 -0.33 -4.37 -8.59
C LYS A 47 -0.73 -2.91 -8.66
N TRP A 48 -0.12 -2.16 -9.58
CA TRP A 48 -0.56 -0.79 -9.83
C TRP A 48 -0.25 -0.34 -11.25
N VAL A 49 -1.08 0.57 -11.73
CA VAL A 49 -0.98 1.14 -13.06
C VAL A 49 -1.08 2.64 -12.97
N ASP A 50 -0.01 3.32 -13.36
CA ASP A 50 0.05 4.78 -13.35
C ASP A 50 -0.45 5.34 -14.68
N TYR A 51 -1.74 5.66 -14.74
CA TYR A 51 -2.30 6.31 -15.91
C TYR A 51 -2.73 7.73 -15.52
N SER A 52 -1.92 8.38 -14.69
CA SER A 52 -2.31 9.63 -14.06
C SER A 52 -2.21 10.84 -14.99
N ASP A 53 -1.60 10.65 -16.16
CA ASP A 53 -1.52 11.76 -17.11
C ASP A 53 -2.90 12.05 -17.69
N LYS A 54 -3.81 11.08 -17.56
CA LYS A 54 -5.16 11.24 -18.10
C LYS A 54 -6.25 10.95 -17.06
N TYR A 55 -6.15 9.82 -16.38
CA TYR A 55 -7.28 9.33 -15.58
C TYR A 55 -6.99 9.17 -14.10
N GLY A 56 -5.90 8.49 -13.76
CA GLY A 56 -5.54 8.30 -12.36
C GLY A 56 -4.66 7.09 -12.13
N LEU A 57 -4.51 6.74 -10.85
CA LEU A 57 -3.70 5.60 -10.44
C LEU A 57 -4.60 4.44 -10.07
N GLY A 58 -4.52 3.36 -10.84
CA GLY A 58 -5.24 2.14 -10.55
C GLY A 58 -4.38 1.14 -9.80
N TYR A 59 -4.99 0.37 -8.92
CA TYR A 59 -4.24 -0.59 -8.12
C TYR A 59 -5.09 -1.82 -7.79
N GLN A 60 -4.39 -2.90 -7.49
CA GLN A 60 -5.01 -4.12 -6.99
C GLN A 60 -4.48 -4.37 -5.59
N LEU A 61 -5.38 -4.70 -4.66
CA LEU A 61 -4.94 -5.12 -3.33
C LEU A 61 -4.75 -6.62 -3.34
N CYS A 62 -4.01 -7.13 -2.36
CA CYS A 62 -3.65 -8.54 -2.30
C CYS A 62 -4.86 -9.47 -2.19
N ASP A 63 -6.02 -8.92 -1.84
CA ASP A 63 -7.24 -9.72 -1.77
C ASP A 63 -7.99 -9.72 -3.10
N ASN A 64 -7.32 -9.27 -4.15
CA ASN A 64 -7.85 -9.23 -5.52
C ASN A 64 -8.93 -8.17 -5.74
N SER A 65 -9.19 -7.35 -4.72
CA SER A 65 -10.01 -6.16 -4.91
C SER A 65 -9.20 -5.16 -5.71
N VAL A 66 -9.88 -4.22 -6.36
N VAL A 66 -9.91 -4.21 -6.32
CA VAL A 66 -9.19 -3.19 -7.13
CA VAL A 66 -9.30 -3.21 -7.20
C VAL A 66 -9.75 -1.83 -6.79
C VAL A 66 -9.75 -1.82 -6.74
N GLY A 67 -8.96 -0.81 -7.07
CA GLY A 67 -9.35 0.57 -6.80
C GLY A 67 -8.71 1.54 -7.76
N VAL A 68 -9.30 2.72 -7.86
CA VAL A 68 -8.73 3.80 -8.65
C VAL A 68 -8.78 5.08 -7.84
N LEU A 69 -7.67 5.79 -7.80
CA LEU A 69 -7.64 7.14 -7.29
C LEU A 69 -7.57 8.07 -8.49
N PHE A 70 -8.71 8.63 -8.88
CA PHE A 70 -8.80 9.47 -10.07
C PHE A 70 -8.11 10.81 -9.87
N ASN A 71 -7.79 11.48 -10.97
CA ASN A 71 -7.06 12.76 -10.90
C ASN A 71 -7.85 13.86 -10.21
N ASP A 72 -9.14 13.67 -10.01
CA ASP A 72 -9.96 14.67 -9.33
C ASP A 72 -10.12 14.32 -7.85
N SER A 73 -9.22 13.47 -7.35
CA SER A 73 -9.15 13.13 -5.93
C SER A 73 -10.36 12.33 -5.44
N THR A 74 -11.11 11.74 -6.35
CA THR A 74 -12.17 10.81 -6.00
C THR A 74 -11.67 9.38 -6.16
N ARG A 75 -12.38 8.43 -5.57
CA ARG A 75 -11.93 7.04 -5.57
C ARG A 75 -13.05 6.05 -5.79
N LEU A 76 -12.77 5.00 -6.56
CA LEU A 76 -13.68 3.86 -6.68
C LEU A 76 -12.98 2.61 -6.21
N ILE A 77 -13.67 1.83 -5.38
CA ILE A 77 -13.16 0.58 -4.87
C ILE A 77 -14.10 -0.54 -5.30
N LEU A 78 -13.56 -1.50 -6.05
CA LEU A 78 -14.33 -2.70 -6.40
C LEU A 78 -13.91 -3.85 -5.49
N TYR A 79 -14.87 -4.34 -4.69
CA TYR A 79 -14.59 -5.45 -3.79
C TYR A 79 -14.31 -6.72 -4.56
N ASN A 80 -13.73 -7.72 -3.90
CA ASN A 80 -13.28 -8.90 -4.62
C ASN A 80 -14.44 -9.83 -4.96
N ASP A 81 -15.68 -9.42 -4.67
CA ASP A 81 -16.83 -10.20 -5.13
C ASP A 81 -17.14 -9.84 -6.57
N GLY A 82 -16.53 -8.77 -7.08
CA GLY A 82 -16.61 -8.43 -8.48
C GLY A 82 -17.78 -7.55 -8.86
N ASP A 83 -18.56 -7.11 -7.87
CA ASP A 83 -19.75 -6.31 -8.13
C ASP A 83 -19.87 -5.16 -7.13
N SER A 84 -19.64 -5.45 -5.85
CA SER A 84 -19.82 -4.45 -4.81
C SER A 84 -18.83 -3.30 -4.97
N LEU A 85 -19.38 -2.10 -4.97
CA LEU A 85 -18.60 -0.89 -5.24
CA LEU A 85 -18.60 -0.89 -5.26
C LEU A 85 -18.71 0.13 -4.12
N GLN A 86 -17.60 0.80 -3.83
CA GLN A 86 -17.58 1.90 -2.89
C GLN A 86 -17.01 3.14 -3.58
N TYR A 87 -17.77 4.23 -3.59
CA TYR A 87 -17.31 5.50 -4.15
C TYR A 87 -16.98 6.48 -3.04
N ILE A 88 -15.80 7.10 -3.14
CA ILE A 88 -15.35 8.06 -2.16
C ILE A 88 -15.17 9.42 -2.81
N GLU A 89 -15.96 10.40 -2.39
CA GLU A 89 -15.85 11.75 -2.93
C GLU A 89 -14.60 12.42 -2.41
N ARG A 90 -14.33 13.62 -2.92
CA ARG A 90 -13.11 14.35 -2.55
C ARG A 90 -13.00 14.52 -1.04
N ASP A 91 -14.12 14.87 -0.40
CA ASP A 91 -14.13 15.16 1.04
C ASP A 91 -14.10 13.88 1.88
N GLY A 92 -14.20 12.73 1.20
CA GLY A 92 -14.14 11.45 1.89
C GLY A 92 -15.50 10.78 2.07
N THR A 93 -16.56 11.46 1.63
CA THR A 93 -17.90 10.91 1.73
C THR A 93 -17.98 9.59 0.97
N GLU A 94 -18.48 8.56 1.64
CA GLU A 94 -18.56 7.22 1.06
C GLU A 94 -20.00 6.89 0.70
N SER A 95 -20.19 6.28 -0.47
CA SER A 95 -21.48 5.71 -0.81
C SER A 95 -21.27 4.31 -1.35
N TYR A 96 -22.28 3.45 -1.18
CA TYR A 96 -22.18 2.06 -1.58
C TYR A 96 -23.13 1.74 -2.73
N LEU A 97 -22.66 0.90 -3.63
CA LEU A 97 -23.41 0.55 -4.84
C LEU A 97 -22.77 -0.66 -5.49
N THR A 98 -23.19 -0.98 -6.71
CA THR A 98 -22.61 -2.09 -7.46
C THR A 98 -22.39 -1.68 -8.91
N VAL A 99 -21.59 -2.47 -9.62
N VAL A 99 -21.62 -2.46 -9.66
CA VAL A 99 -21.33 -2.27 -11.04
CA VAL A 99 -21.37 -2.12 -11.05
C VAL A 99 -22.64 -2.40 -11.81
C VAL A 99 -22.62 -2.45 -11.87
N SER A 100 -23.51 -3.27 -11.31
CA SER A 100 -24.75 -3.58 -12.00
CA SER A 100 -24.77 -3.59 -11.98
C SER A 100 -25.82 -2.52 -11.73
N SER A 101 -25.68 -1.83 -10.61
CA SER A 101 -26.62 -0.77 -10.23
CA SER A 101 -26.61 -0.75 -10.27
C SER A 101 -25.87 0.45 -9.71
N HIS A 102 -25.66 1.44 -10.57
CA HIS A 102 -24.93 2.65 -10.21
C HIS A 102 -25.59 3.87 -10.81
N PRO A 103 -25.39 5.05 -10.20
CA PRO A 103 -25.87 6.27 -10.83
C PRO A 103 -25.25 6.46 -12.21
N ASN A 104 -26.01 6.99 -13.15
CA ASN A 104 -25.48 7.24 -14.48
C ASN A 104 -24.27 8.16 -14.42
N SER A 105 -24.23 9.00 -13.39
CA SER A 105 -23.17 9.97 -13.22
C SER A 105 -21.80 9.32 -13.04
N LEU A 106 -21.79 8.05 -12.63
CA LEU A 106 -20.53 7.33 -12.42
C LEU A 106 -20.20 6.40 -13.58
N MET A 107 -20.95 6.51 -14.67
CA MET A 107 -20.72 5.67 -15.83
CA MET A 107 -20.72 5.68 -15.84
C MET A 107 -19.25 5.68 -16.25
N LYS A 108 -18.71 6.86 -16.54
CA LYS A 108 -17.36 6.99 -17.05
CA LYS A 108 -17.36 6.98 -17.06
C LYS A 108 -16.34 6.36 -16.11
N LYS A 109 -16.41 6.75 -14.84
CA LYS A 109 -15.44 6.28 -13.85
C LYS A 109 -15.52 4.77 -13.64
N ILE A 110 -16.71 4.20 -13.76
CA ILE A 110 -16.88 2.76 -13.57
C ILE A 110 -16.31 2.02 -14.78
N THR A 111 -16.47 2.61 -15.96
CA THR A 111 -15.87 2.06 -17.17
C THR A 111 -14.34 2.04 -17.05
N LEU A 112 -13.79 3.12 -16.53
CA LEU A 112 -12.35 3.20 -16.31
C LEU A 112 -11.89 2.12 -15.33
N LEU A 113 -12.62 1.96 -14.24
CA LEU A 113 -12.26 0.94 -13.24
CA LEU A 113 -12.32 0.93 -13.24
C LEU A 113 -12.26 -0.44 -13.89
N LYS A 114 -13.26 -0.73 -14.72
CA LYS A 114 -13.33 -1.99 -15.45
C LYS A 114 -12.06 -2.25 -16.25
N TYR A 115 -11.59 -1.24 -16.98
CA TYR A 115 -10.39 -1.37 -17.78
C TYR A 115 -9.17 -1.64 -16.92
N PHE A 116 -9.06 -0.93 -15.80
CA PHE A 116 -7.96 -1.16 -14.87
C PHE A 116 -8.01 -2.58 -14.32
N ARG A 117 -9.19 -2.97 -13.85
CA ARG A 117 -9.44 -4.31 -13.35
C ARG A 117 -9.05 -5.37 -14.38
N ASN A 118 -9.56 -5.22 -15.61
CA ASN A 118 -9.27 -6.18 -16.67
C ASN A 118 -7.77 -6.31 -16.88
N TYR A 119 -7.07 -5.17 -16.86
CA TYR A 119 -5.63 -5.15 -17.15
C TYR A 119 -4.83 -5.87 -16.07
N MET A 120 -5.14 -5.58 -14.81
CA MET A 120 -4.41 -6.18 -13.69
C MET A 120 -4.90 -7.59 -13.37
N SER A 121 -5.93 -8.02 -14.06
CA SER A 121 -6.39 -9.41 -13.96
C SER A 121 -5.62 -10.28 -14.94
N GLU A 122 -5.18 -9.69 -16.05
CA GLU A 122 -4.49 -10.42 -17.11
C GLU A 122 -2.99 -10.22 -17.05
N HIS A 123 -2.57 -9.04 -16.59
CA HIS A 123 -1.17 -8.67 -16.64
C HIS A 123 -0.58 -8.51 -15.25
N LEU A 124 0.75 -8.66 -15.19
CA LEU A 124 1.56 -8.32 -14.02
C LEU A 124 1.53 -9.36 -12.90
N LEU A 125 2.61 -9.42 -12.14
CA LEU A 125 2.73 -10.34 -11.01
C LEU A 125 2.18 -9.72 -9.74
N LYS A 126 1.47 -10.52 -8.96
CA LYS A 126 0.98 -10.10 -7.64
C LYS A 126 2.14 -10.00 -6.66
N ALA A 127 2.40 -8.80 -6.15
CA ALA A 127 3.39 -8.67 -5.08
C ALA A 127 2.86 -9.41 -3.87
N GLY A 128 3.75 -10.07 -3.13
CA GLY A 128 3.38 -10.77 -1.93
C GLY A 128 2.53 -12.01 -2.16
N ALA A 129 2.69 -12.64 -3.31
CA ALA A 129 1.90 -13.82 -3.66
C ALA A 129 2.23 -15.00 -2.75
N ASN A 130 3.42 -14.99 -2.15
CA ASN A 130 3.85 -16.09 -1.29
C ASN A 130 3.42 -15.90 0.15
N ILE A 131 2.50 -14.97 0.39
CA ILE A 131 1.96 -14.78 1.73
C ILE A 131 0.50 -15.18 1.76
N THR A 132 0.17 -15.90 2.83
CA THR A 132 -1.09 -16.63 2.91
C THR A 132 -2.31 -15.75 2.72
N PRO A 133 -3.25 -16.17 1.84
CA PRO A 133 -4.56 -15.53 1.82
C PRO A 133 -5.28 -15.83 3.12
N ARG A 134 -5.60 -14.80 3.91
CA ARG A 134 -6.19 -15.03 5.22
C ARG A 134 -7.72 -15.07 5.17
N GLU A 135 -8.29 -16.12 5.75
CA GLU A 135 -9.74 -16.22 5.85
C GLU A 135 -10.26 -15.04 6.68
N GLY A 136 -11.12 -14.24 6.06
CA GLY A 136 -11.68 -13.08 6.72
C GLY A 136 -12.98 -12.66 6.08
N ASP A 137 -13.52 -11.54 6.54
CA ASP A 137 -14.75 -11.00 5.98
C ASP A 137 -14.40 -10.19 4.73
N GLU A 138 -14.62 -10.80 3.56
CA GLU A 138 -14.22 -10.21 2.29
C GLU A 138 -14.90 -8.85 2.04
N LEU A 139 -16.02 -8.61 2.72
CA LEU A 139 -16.76 -7.36 2.58
C LEU A 139 -16.47 -6.40 3.72
N ALA A 140 -15.71 -6.85 4.72
CA ALA A 140 -15.21 -5.95 5.74
C ALA A 140 -14.57 -4.77 5.02
N ARG A 141 -14.74 -3.57 5.58
CA ARG A 141 -14.33 -2.36 4.87
C ARG A 141 -12.88 -2.43 4.41
N LEU A 142 -12.70 -2.34 3.10
CA LEU A 142 -11.38 -2.33 2.52
C LEU A 142 -10.69 -1.00 2.74
N PRO A 143 -9.36 -1.00 2.88
CA PRO A 143 -8.68 0.29 2.82
C PRO A 143 -8.68 0.81 1.38
N TYR A 144 -8.53 2.12 1.20
CA TYR A 144 -8.44 2.69 -0.13
C TYR A 144 -7.18 3.53 -0.22
N LEU A 145 -6.78 3.88 -1.44
CA LEU A 145 -5.56 4.65 -1.61
C LEU A 145 -5.84 6.10 -1.29
N ARG A 146 -5.28 6.56 -0.19
CA ARG A 146 -5.49 7.93 0.28
C ARG A 146 -4.69 8.90 -0.58
N THR A 147 -3.43 8.58 -0.80
CA THR A 147 -2.61 9.40 -1.67
C THR A 147 -1.41 8.61 -2.13
N TRP A 148 -0.73 9.14 -3.14
CA TRP A 148 0.48 8.51 -3.65
C TRP A 148 1.36 9.52 -4.32
N PHE A 149 2.64 9.18 -4.46
CA PHE A 149 3.53 9.97 -5.29
C PHE A 149 4.68 9.07 -5.70
N ARG A 150 5.47 9.53 -6.64
CA ARG A 150 6.64 8.77 -7.05
C ARG A 150 7.87 9.66 -7.04
N THR A 151 8.99 9.04 -6.71
CA THR A 151 10.30 9.65 -6.87
C THR A 151 10.99 8.93 -8.02
N ARG A 152 12.24 9.26 -8.29
CA ARG A 152 12.97 8.52 -9.31
C ARG A 152 13.17 7.06 -8.91
N SER A 153 13.22 6.80 -7.61
N SER A 153 13.22 6.82 -7.61
CA SER A 153 13.63 5.49 -7.10
CA SER A 153 13.63 5.53 -7.07
C SER A 153 12.48 4.63 -6.58
C SER A 153 12.47 4.63 -6.66
N ALA A 154 11.32 5.23 -6.33
CA ALA A 154 10.21 4.46 -5.77
C ALA A 154 8.83 5.07 -6.01
N ILE A 155 7.81 4.24 -5.81
CA ILE A 155 6.44 4.71 -5.73
C ILE A 155 6.00 4.56 -4.29
N ILE A 156 5.36 5.60 -3.77
CA ILE A 156 4.94 5.66 -2.38
C ILE A 156 3.42 5.63 -2.35
N LEU A 157 2.87 4.67 -1.62
CA LEU A 157 1.44 4.43 -1.56
C LEU A 157 0.95 4.49 -0.11
N HIS A 158 0.04 5.41 0.17
CA HIS A 158 -0.51 5.58 1.51
C HIS A 158 -1.96 5.12 1.56
N LEU A 159 -2.24 4.11 2.37
CA LEU A 159 -3.59 3.55 2.47
C LEU A 159 -4.36 4.17 3.63
N SER A 160 -5.69 4.12 3.53
CA SER A 160 -6.54 4.77 4.52
C SER A 160 -6.51 4.06 5.87
N ASN A 161 -5.94 2.86 5.92
CA ASN A 161 -5.78 2.16 7.19
C ASN A 161 -4.46 2.54 7.87
N GLY A 162 -3.79 3.54 7.31
CA GLY A 162 -2.58 4.09 7.91
C GLY A 162 -1.30 3.52 7.35
N SER A 163 -1.39 2.39 6.65
CA SER A 163 -0.21 1.75 6.08
C SER A 163 0.43 2.58 4.98
N VAL A 164 1.76 2.51 4.89
CA VAL A 164 2.50 3.15 3.81
C VAL A 164 3.32 2.07 3.11
N GLN A 165 3.14 1.96 1.80
CA GLN A 165 3.91 1.00 1.02
C GLN A 165 4.90 1.74 0.13
N ILE A 166 6.13 1.23 0.07
CA ILE A 166 7.18 1.80 -0.76
C ILE A 166 7.76 0.71 -1.65
N ASN A 167 7.57 0.86 -2.96
CA ASN A 167 8.12 -0.07 -3.94
C ASN A 167 9.31 0.56 -4.65
N PHE A 168 10.47 -0.06 -4.56
CA PHE A 168 11.66 0.44 -5.24
C PHE A 168 11.76 -0.09 -6.66
N PHE A 169 11.95 0.82 -7.61
CA PHE A 169 11.86 0.48 -9.03
C PHE A 169 13.00 -0.42 -9.49
N GLN A 170 14.22 -0.08 -9.09
CA GLN A 170 15.41 -0.72 -9.66
C GLN A 170 15.60 -2.16 -9.21
N ASP A 171 15.53 -2.40 -7.91
CA ASP A 171 15.81 -3.73 -7.36
C ASP A 171 14.52 -4.49 -7.00
N HIS A 172 13.39 -3.83 -7.12
CA HIS A 172 12.07 -4.44 -6.93
C HIS A 172 11.80 -4.80 -5.47
N THR A 173 12.58 -4.24 -4.57
CA THR A 173 12.36 -4.48 -3.15
C THR A 173 11.22 -3.58 -2.67
N LYS A 174 10.55 -4.00 -1.60
CA LYS A 174 9.38 -3.28 -1.14
C LYS A 174 9.29 -3.24 0.38
N LEU A 175 8.78 -2.12 0.90
CA LEU A 175 8.45 -2.00 2.31
C LEU A 175 6.94 -1.85 2.48
N ILE A 176 6.38 -2.50 3.49
CA ILE A 176 4.99 -2.26 3.90
C ILE A 176 5.04 -1.87 5.36
N LEU A 177 4.79 -0.59 5.65
CA LEU A 177 4.85 -0.08 7.00
C LEU A 177 3.47 0.06 7.60
N CYS A 178 3.30 -0.44 8.83
CA CYS A 178 2.04 -0.27 9.55
C CYS A 178 2.25 0.45 10.88
N PRO A 179 1.58 1.59 11.09
CA PRO A 179 1.76 2.30 12.35
C PRO A 179 0.94 1.71 13.50
N LEU A 180 -0.03 0.86 13.16
CA LEU A 180 -0.85 0.21 14.18
CA LEU A 180 -0.86 0.21 14.19
C LEU A 180 -0.12 -0.97 14.80
N MET A 181 0.47 -1.80 13.95
CA MET A 181 1.31 -2.90 14.40
C MET A 181 2.70 -2.39 14.74
N ALA A 182 3.03 -1.19 14.29
CA ALA A 182 4.39 -0.65 14.44
C ALA A 182 5.38 -1.65 13.88
N ALA A 183 5.11 -2.08 12.65
CA ALA A 183 5.86 -3.14 12.01
C ALA A 183 6.23 -2.73 10.59
N VAL A 184 7.26 -3.37 10.06
CA VAL A 184 7.60 -3.22 8.66
C VAL A 184 7.76 -4.61 8.05
N THR A 185 7.13 -4.78 6.90
CA THR A 185 7.37 -5.94 6.07
C THR A 185 8.35 -5.56 4.97
N TYR A 186 9.39 -6.36 4.82
CA TYR A 186 10.38 -6.18 3.79
C TYR A 186 10.27 -7.32 2.78
N ILE A 187 10.09 -6.96 1.52
CA ILE A 187 10.13 -7.94 0.42
C ILE A 187 11.44 -7.72 -0.31
N ASP A 188 12.31 -8.73 -0.35
CA ASP A 188 13.63 -8.55 -0.93
C ASP A 188 13.66 -8.98 -2.41
N GLU A 189 14.86 -9.05 -2.98
CA GLU A 189 15.04 -9.28 -4.41
C GLU A 189 14.64 -10.68 -4.84
N LYS A 190 14.58 -11.61 -3.89
CA LYS A 190 14.14 -12.97 -4.17
C LYS A 190 12.65 -13.13 -3.89
N ARG A 191 11.99 -12.03 -3.51
N ARG A 191 12.01 -12.02 -3.50
CA ARG A 191 10.57 -12.04 -3.14
CA ARG A 191 10.61 -11.99 -3.11
C ARG A 191 10.32 -12.70 -1.78
C ARG A 191 10.35 -12.77 -1.82
N ASP A 192 11.37 -12.80 -0.96
CA ASP A 192 11.21 -13.31 0.38
C ASP A 192 10.54 -12.20 1.19
N PHE A 193 9.63 -12.60 2.07
CA PHE A 193 8.68 -11.70 2.72
C PHE A 193 8.79 -11.85 4.24
N ARG A 194 9.47 -10.91 4.89
CA ARG A 194 9.66 -10.94 6.34
C ARG A 194 9.01 -9.72 6.98
N THR A 195 8.30 -9.94 8.08
CA THR A 195 7.64 -8.86 8.81
C THR A 195 8.33 -8.68 10.17
N TYR A 196 8.73 -7.45 10.47
CA TYR A 196 9.49 -7.13 11.68
C TYR A 196 8.75 -6.11 12.53
N ARG A 197 8.84 -6.25 13.85
CA ARG A 197 8.41 -5.17 14.74
CA ARG A 197 8.45 -5.19 14.79
C ARG A 197 9.53 -4.13 14.83
N LEU A 198 9.18 -2.88 14.55
CA LEU A 198 10.19 -1.83 14.49
C LEU A 198 10.97 -1.70 15.80
N SER A 199 10.29 -1.89 16.93
CA SER A 199 10.96 -1.77 18.24
C SER A 199 11.96 -2.89 18.44
N LEU A 200 11.76 -4.01 17.77
CA LEU A 200 12.68 -5.14 17.90
C LEU A 200 13.87 -4.97 16.97
N LEU A 201 13.68 -4.23 15.88
CA LEU A 201 14.81 -3.86 15.03
C LEU A 201 15.73 -2.95 15.82
N GLU A 202 15.15 -2.11 16.67
CA GLU A 202 15.94 -1.28 17.58
C GLU A 202 16.76 -2.17 18.50
N GLU A 203 16.11 -3.20 19.03
CA GLU A 203 16.74 -4.09 20.00
C GLU A 203 17.82 -4.97 19.37
N TYR A 204 17.53 -5.53 18.20
CA TYR A 204 18.42 -6.55 17.64
C TYR A 204 19.20 -6.11 16.41
N GLY A 205 18.79 -5.00 15.81
CA GLY A 205 19.47 -4.47 14.64
C GLY A 205 19.03 -5.15 13.33
N CYS A 206 19.61 -4.70 12.22
CA CYS A 206 19.33 -5.31 10.92
C CYS A 206 20.47 -5.04 9.94
N CYS A 207 20.42 -5.71 8.79
CA CYS A 207 21.45 -5.52 7.77
C CYS A 207 21.39 -4.09 7.22
N LYS A 208 22.46 -3.67 6.59
CA LYS A 208 22.59 -2.30 6.10
C LYS A 208 21.56 -2.02 5.00
N GLU A 209 21.18 -3.06 4.26
CA GLU A 209 20.22 -2.91 3.17
C GLU A 209 18.85 -2.49 3.70
N LEU A 210 18.38 -3.18 4.73
CA LEU A 210 17.09 -2.81 5.32
C LEU A 210 17.22 -1.46 6.03
N ALA A 211 18.35 -1.24 6.70
CA ALA A 211 18.57 0.01 7.42
C ALA A 211 18.48 1.22 6.47
N SER A 212 19.08 1.08 5.28
CA SER A 212 19.08 2.16 4.30
CA SER A 212 19.08 2.17 4.31
C SER A 212 17.65 2.46 3.84
N ARG A 213 16.89 1.41 3.61
CA ARG A 213 15.53 1.59 3.14
C ARG A 213 14.62 2.21 4.20
N LEU A 214 14.90 1.93 5.47
CA LEU A 214 14.12 2.53 6.55
C LEU A 214 14.45 4.02 6.69
N ARG A 215 15.69 4.38 6.42
CA ARG A 215 16.06 5.79 6.37
C ARG A 215 15.30 6.50 5.26
N TYR A 216 15.28 5.90 4.07
CA TYR A 216 14.53 6.46 2.96
C TYR A 216 13.04 6.56 3.34
N ALA A 217 12.53 5.50 3.96
CA ALA A 217 11.12 5.45 4.35
C ALA A 217 10.75 6.64 5.23
N ARG A 218 11.63 7.01 6.13
CA ARG A 218 11.38 8.13 7.02
C ARG A 218 11.21 9.40 6.20
N THR A 219 12.10 9.57 5.23
CA THR A 219 12.09 10.74 4.37
C THR A 219 10.76 10.83 3.62
N MET A 220 10.28 9.69 3.15
CA MET A 220 9.03 9.64 2.41
C MET A 220 7.83 9.99 3.29
N VAL A 221 7.82 9.49 4.52
CA VAL A 221 6.74 9.79 5.45
C VAL A 221 6.73 11.29 5.74
N ASP A 222 7.92 11.88 5.83
CA ASP A 222 8.05 13.32 6.02
C ASP A 222 7.40 14.09 4.88
N LYS A 223 7.56 13.61 3.65
CA LYS A 223 6.94 14.24 2.49
C LYS A 223 5.42 14.17 2.61
N LEU A 224 4.91 13.01 2.98
CA LEU A 224 3.47 12.82 3.13
C LEU A 224 2.93 13.82 4.15
N LEU A 225 3.65 13.97 5.26
CA LEU A 225 3.22 14.85 6.34
C LEU A 225 3.29 16.32 5.94
N SER A 226 4.28 16.69 5.13
CA SER A 226 4.48 18.07 4.76
C SER A 226 3.58 18.50 3.59
N SER A 227 2.80 17.57 3.06
CA SER A 227 1.95 17.85 1.90
C SER A 227 0.54 17.28 2.05
N ARG A 228 0.13 17.03 3.29
CA ARG A 228 -1.12 16.31 3.53
C ARG A 228 -2.35 17.08 3.06
N SER A 229 -2.30 18.42 3.15
CA SER A 229 -3.30 19.29 2.55
C SER A 229 -4.76 18.90 2.86
N ALA A 230 -5.57 18.66 1.83
CA ALA A 230 -7.00 18.37 1.95
C ALA A 230 -7.80 19.63 2.26
N SER A 231 -9.11 19.52 2.12
CA SER A 231 -10.01 20.66 2.35
C SER A 231 -11.33 20.20 2.96
N LEU B 1 5.61 2.94 -15.57
CA LEU B 1 4.21 3.30 -15.64
C LEU B 1 3.27 2.25 -15.05
CA 3ZH B 2 3.07 0.09 -13.94
C 3ZH B 2 4.00 -0.88 -13.22
C9 3ZH B 2 2.03 -0.63 -14.81
C11 3ZH B 2 3.46 -2.44 -15.92
O 3ZH B 2 5.21 -0.87 -13.46
N 3ZH B 2 3.82 1.10 -14.67
C43 3ZH B 2 4.96 -3.64 -17.58
N3 3ZH B 2 3.97 -2.62 -17.18
C12 3ZH B 2 3.48 -1.69 -17.98
N4 3ZH B 2 2.66 -0.91 -17.27
C10 3ZH B 2 2.64 -1.38 -15.96
C13 3ZH B 2 1.89 0.22 -17.80
C14 3ZH B 2 0.58 -0.21 -18.42
C15 3ZH B 2 -0.40 0.92 -18.66
C16 3ZH B 2 -1.80 0.42 -19.02
C17 3ZH B 2 -2.83 1.52 -19.16
C18 3ZH B 2 -3.99 1.14 -20.07
C19 3ZH B 2 -4.81 -0.05 -19.59
C20 3ZH B 2 -5.87 0.22 -18.54
C21 3ZH B 2 -6.85 1.32 -18.90
C26 3ZH B 2 -7.22 1.53 -20.23
C25 3ZH B 2 -8.06 2.56 -20.57
C24 3ZH B 2 -8.55 3.41 -19.59
C23 3ZH B 2 -8.20 3.22 -18.28
C22 3ZH B 2 -7.35 2.18 -17.94
C33 3ZH B 2 6.40 3.38 -14.59
O5 3ZH B 2 5.99 4.07 -13.66
C34 3ZH B 2 7.86 3.02 -14.71
C35 3ZH B 2 8.09 1.55 -15.01
C36 3ZH B 2 9.51 1.11 -14.69
C37 3ZH B 2 9.79 -0.36 -14.91
C38 3ZH B 2 9.92 -0.78 -16.37
C39 3ZH B 2 8.71 -1.50 -16.93
C40 3ZH B 2 8.42 -2.85 -16.30
C41 3ZH B 2 7.44 -3.75 -17.06
C42 3ZH B 2 6.33 -3.03 -17.80
HA 3ZH B 2 2.56 0.66 -13.17
H15 3ZH B 2 1.28 0.04 -15.23
H16 3ZH B 2 1.38 -1.32 -14.30
H17 3ZH B 2 3.71 -3.08 -15.07
H 3ZH B 2 4.77 1.29 -14.35
H71 3ZH B 2 4.55 -4.08 -18.49
H70 3ZH B 2 4.97 -4.43 -16.83
H18 3ZH B 2 3.70 -1.57 -19.04
H20 3ZH B 2 2.55 0.74 -18.50
H21 3ZH B 2 1.68 0.93 -16.99
H22 3ZH B 2 0.81 -0.76 -19.34
H23 3ZH B 2 0.14 -0.98 -17.77
H25 3ZH B 2 -0.01 1.56 -19.45
H24 3ZH B 2 -0.48 1.53 -17.76
H26 3ZH B 2 -2.15 -0.28 -18.27
H27 3ZH B 2 -1.73 -0.19 -19.92
H28 3ZH B 2 -2.34 2.44 -19.51
H29 3ZH B 2 -3.19 1.80 -18.17
H30 3ZH B 2 -3.69 1.04 -21.11
H31 3ZH B 2 -4.67 2.00 -20.08
H33 3ZH B 2 -5.34 -0.41 -20.48
H32 3ZH B 2 -4.17 -0.87 -19.27
H34 3ZH B 2 -5.41 0.41 -17.57
H35 3ZH B 2 -6.45 -0.68 -18.36
H40 3ZH B 2 -6.85 0.85 -20.99
H39 3ZH B 2 -8.34 2.71 -21.61
H38 3ZH B 2 -9.21 4.23 -19.89
H37 3ZH B 2 -8.57 3.86 -17.49
H36 3ZH B 2 -7.07 2.01 -16.90
H52 3ZH B 2 8.36 3.65 -15.46
H53 3ZH B 2 8.37 3.28 -13.79
H55 3ZH B 2 7.80 1.25 -16.02
H54 3ZH B 2 7.40 0.98 -14.39
H57 3ZH B 2 9.84 1.47 -13.72
H56 3ZH B 2 10.18 1.67 -15.35
H59 3ZH B 2 9.04 -0.97 -14.42
H58 3ZH B 2 10.72 -0.68 -14.44
H61 3ZH B 2 10.82 -1.37 -16.49
H60 3ZH B 2 10.06 0.10 -16.99
H62 3ZH B 2 8.74 -1.60 -18.02
H63 3ZH B 2 7.83 -0.87 -16.81
H64 3ZH B 2 8.10 -2.70 -15.25
H65 3ZH B 2 9.37 -3.36 -16.22
H66 3ZH B 2 8.01 -4.33 -17.79
H67 3ZH B 2 7.02 -4.46 -16.35
H68 3ZH B 2 6.33 -1.95 -17.62
H69 3ZH B 2 6.49 -3.09 -18.87
N SER B 3 3.43 -1.72 -12.36
CA SER B 3 4.21 -2.62 -11.52
C SER B 3 4.77 -3.81 -12.30
N TPO B 4 5.57 -4.63 -11.61
CA TPO B 4 6.30 -5.71 -12.23
CB TPO B 4 7.23 -6.39 -11.22
CG2 TPO B 4 8.14 -7.42 -11.83
OG1 TPO B 4 8.01 -5.33 -10.65
P TPO B 4 7.99 -4.77 -9.14
O1P TPO B 4 8.20 -6.00 -8.29
O2P TPO B 4 9.04 -3.72 -8.95
O3P TPO B 4 6.56 -4.20 -8.90
C TPO B 4 5.36 -6.79 -12.81
O TPO B 4 4.35 -7.08 -12.18
H TPO B 4 5.71 -4.55 -10.60
HA TPO B 4 6.96 -5.31 -13.01
HB TPO B 4 6.67 -6.81 -10.38
HG21 TPO B 4 8.81 -7.06 -12.61
HG22 TPO B 4 7.55 -8.23 -12.26
HG23 TPO B 4 8.73 -7.92 -11.07
N NH2 B 5 5.70 -7.35 -13.96
HN1 NH2 B 5 5.13 -8.07 -14.39
HN2 NH2 B 5 6.53 -7.14 -14.51
#